data_7OZQ
#
_entry.id   7OZQ
#
_cell.length_a   109.391
_cell.length_b   61.598
_cell.length_c   138.611
_cell.angle_alpha   90.000
_cell.angle_beta   108.356
_cell.angle_gamma   90.000
#
_symmetry.space_group_name_H-M   'C 1 2 1'
#
loop_
_entity.id
_entity.type
_entity.pdbx_description
1 polymer '50S ribosomal protein L7Ae'
2 polymer RNA
3 non-polymer 'ACETATE ION'
4 non-polymer 'SODIUM ION'
5 non-polymer 'CALCIUM ION'
6 non-polymer 'CHLORIDE ION'
7 water water
#
loop_
_entity_poly.entity_id
_entity_poly.type
_entity_poly.pdbx_seq_one_letter_code
_entity_poly.pdbx_strand_id
1 'polypeptide(L)'
;GAMAKPSYVKFEVPKELAEKALQAVEIARDTGKIRKGTNETTKAVERGQAKLVIIAEDVDPEEIVAHLPPLCEEKEIPYI
YVPSKKELGAAAGIEVAAASVAIIEPGKARDLVEEIAMKVKELMK
;
A,B,C,D
2 'polyribonucleotide' GUACUAGAUUGGUCGAAAGGCUAAUUGAUGACC E,F,G,H
#
loop_
_chem_comp.id
_chem_comp.type
_chem_comp.name
_chem_comp.formula
A RNA linking ADENOSINE-5'-MONOPHOSPHATE 'C10 H14 N5 O7 P'
ACT non-polymer 'ACETATE ION' 'C2 H3 O2 -1'
C RNA linking CYTIDINE-5'-MONOPHOSPHATE 'C9 H14 N3 O8 P'
CA non-polymer 'CALCIUM ION' 'Ca 2'
CL non-polymer 'CHLORIDE ION' 'Cl -1'
G RNA linking GUANOSINE-5'-MONOPHOSPHATE 'C10 H14 N5 O8 P'
NA non-polymer 'SODIUM ION' 'Na 1'
U RNA linking URIDINE-5'-MONOPHOSPHATE 'C9 H13 N2 O9 P'
#
# COMPACT_ATOMS: atom_id res chain seq x y z
N MET A 3 -11.65 13.97 -1.33
CA MET A 3 -10.33 13.45 -0.89
C MET A 3 -10.49 12.47 0.29
N ALA A 4 -9.36 11.99 0.80
CA ALA A 4 -9.33 11.06 1.93
C ALA A 4 -8.44 11.65 3.02
N LYS A 5 -8.88 11.53 4.29
CA LYS A 5 -8.21 12.21 5.39
C LYS A 5 -7.49 11.20 6.29
N PRO A 6 -6.41 11.61 6.95
CA PRO A 6 -5.78 10.73 7.94
C PRO A 6 -6.78 10.30 8.99
N SER A 7 -6.54 9.11 9.56
CA SER A 7 -7.47 8.57 10.56
C SER A 7 -7.57 9.45 11.81
N TYR A 8 -6.55 10.30 12.10
CA TYR A 8 -6.70 11.15 13.27
C TYR A 8 -7.63 12.34 13.02
N VAL A 9 -8.10 12.55 11.80
CA VAL A 9 -9.04 13.60 11.48
C VAL A 9 -10.46 13.06 11.60
N LYS A 10 -11.16 13.49 12.64
CA LYS A 10 -12.45 12.92 13.04
C LYS A 10 -13.63 13.61 12.38
N PHE A 11 -13.45 14.75 11.72
CA PHE A 11 -14.59 15.40 11.11
C PHE A 11 -14.10 16.35 10.04
N GLU A 12 -15.02 16.73 9.13
CA GLU A 12 -14.74 17.63 8.04
C GLU A 12 -14.90 19.08 8.48
N VAL A 13 -13.87 19.90 8.25
CA VAL A 13 -13.88 21.29 8.69
C VAL A 13 -14.13 22.18 7.47
N PRO A 14 -15.17 23.00 7.47
CA PRO A 14 -15.34 23.98 6.37
C PRO A 14 -14.17 24.96 6.33
N LYS A 15 -13.87 25.41 5.10
CA LYS A 15 -12.75 26.33 4.90
C LYS A 15 -12.83 27.55 5.82
N GLU A 16 -14.03 28.18 5.92
CA GLU A 16 -14.14 29.38 6.74
C GLU A 16 -13.87 29.09 8.22
N LEU A 17 -14.13 27.86 8.66
CA LEU A 17 -13.90 27.51 10.05
C LEU A 17 -12.43 27.26 10.32
N ALA A 18 -11.72 26.62 9.38
CA ALA A 18 -10.27 26.50 9.49
C ALA A 18 -9.60 27.87 9.48
N GLU A 19 -10.07 28.78 8.61
CA GLU A 19 -9.53 30.13 8.61
C GLU A 19 -9.72 30.81 9.97
N LYS A 20 -10.87 30.60 10.58
CA LYS A 20 -11.13 31.15 11.90
C LYS A 20 -10.19 30.56 12.94
N ALA A 21 -9.86 29.27 12.81
CA ALA A 21 -8.92 28.67 13.76
C ALA A 21 -7.56 29.36 13.67
N LEU A 22 -7.06 29.55 12.45
CA LEU A 22 -5.75 30.18 12.29
C LEU A 22 -5.79 31.63 12.77
N GLN A 23 -6.89 32.33 12.49
CA GLN A 23 -7.08 33.67 13.01
C GLN A 23 -7.04 33.69 14.53
N ALA A 24 -7.70 32.71 15.16
CA ALA A 24 -7.71 32.64 16.62
C ALA A 24 -6.31 32.46 17.17
N VAL A 25 -5.54 31.56 16.55
CA VAL A 25 -4.16 31.33 16.95
C VAL A 25 -3.35 32.62 16.85
N GLU A 26 -3.53 33.37 15.76
CA GLU A 26 -2.76 34.59 15.56
CA GLU A 26 -2.74 34.59 15.58
C GLU A 26 -3.12 35.66 16.59
N ILE A 27 -4.42 35.81 16.86
CA ILE A 27 -4.89 36.82 17.80
C ILE A 27 -4.51 36.43 19.22
N ALA A 28 -4.66 35.14 19.56
CA ALA A 28 -4.20 34.69 20.87
C ALA A 28 -2.69 34.87 20.99
N ARG A 29 -1.94 34.63 19.92
CA ARG A 29 -0.50 34.88 19.99
C ARG A 29 -0.22 36.34 20.31
N ASP A 30 -0.99 37.24 19.71
CA ASP A 30 -0.72 38.66 19.80
C ASP A 30 -1.20 39.26 21.11
N THR A 31 -2.27 38.70 21.69
CA THR A 31 -2.95 39.31 22.82
C THR A 31 -3.17 38.37 24.00
N GLY A 32 -2.84 37.08 23.87
CA GLY A 32 -3.09 36.14 24.94
C GLY A 32 -1.88 35.25 25.14
N LYS A 33 -2.11 33.94 25.18
CA LYS A 33 -1.01 32.99 25.34
C LYS A 33 -1.32 31.73 24.57
N ILE A 34 -0.34 31.25 23.82
CA ILE A 34 -0.47 29.97 23.11
C ILE A 34 0.71 29.10 23.48
N ARG A 35 0.60 27.84 23.10
CA ARG A 35 1.67 26.87 23.15
C ARG A 35 1.71 26.24 21.77
N LYS A 36 2.92 26.00 21.23
CA LYS A 36 3.04 25.59 19.84
C LYS A 36 4.02 24.42 19.70
N GLY A 37 3.67 23.49 18.84
CA GLY A 37 4.37 22.22 18.80
C GLY A 37 3.61 21.18 19.59
N THR A 38 3.76 19.92 19.18
CA THR A 38 2.90 18.89 19.77
C THR A 38 3.29 18.55 21.20
N ASN A 39 4.57 18.64 21.56
CA ASN A 39 4.95 18.41 22.95
CA ASN A 39 4.95 18.40 22.95
C ASN A 39 4.27 19.42 23.87
N GLU A 40 4.46 20.72 23.57
CA GLU A 40 3.84 21.77 24.37
C GLU A 40 2.32 21.67 24.35
N THR A 41 1.75 21.38 23.17
CA THR A 41 0.30 21.28 23.06
C THR A 41 -0.24 20.14 23.92
N THR A 42 0.37 18.96 23.84
CA THR A 42 -0.11 17.82 24.63
C THR A 42 -0.04 18.12 26.13
N LYS A 43 1.07 18.73 26.58
CA LYS A 43 1.18 19.08 28.00
C LYS A 43 0.06 20.03 28.44
N ALA A 44 -0.25 21.04 27.63
CA ALA A 44 -1.32 21.95 27.97
C ALA A 44 -2.66 21.24 28.08
N VAL A 45 -2.88 20.23 27.25
CA VAL A 45 -4.11 19.46 27.37
C VAL A 45 -4.07 18.62 28.64
N GLU A 46 -2.94 17.96 28.91
CA GLU A 46 -2.85 17.14 30.12
CA GLU A 46 -2.83 17.14 30.12
C GLU A 46 -2.99 17.97 31.38
N ARG A 47 -2.56 19.22 31.35
CA ARG A 47 -2.67 20.08 32.53
C ARG A 47 -4.00 20.80 32.62
N GLY A 48 -4.90 20.59 31.66
CA GLY A 48 -6.16 21.32 31.68
C GLY A 48 -6.07 22.79 31.33
N GLN A 49 -4.97 23.23 30.73
CA GLN A 49 -4.77 24.64 30.41
C GLN A 49 -5.32 25.02 29.03
N ALA A 50 -5.39 24.06 28.10
CA ALA A 50 -5.82 24.37 26.76
C ALA A 50 -7.31 24.71 26.69
N LYS A 51 -7.63 25.80 26.04
CA LYS A 51 -9.02 26.16 25.75
C LYS A 51 -9.44 25.67 24.36
N LEU A 52 -8.49 25.54 23.46
CA LEU A 52 -8.72 25.04 22.11
C LEU A 52 -7.43 24.43 21.61
N VAL A 53 -7.53 23.28 20.96
CA VAL A 53 -6.41 22.63 20.32
C VAL A 53 -6.62 22.66 18.81
N ILE A 54 -5.58 23.05 18.09
CA ILE A 54 -5.63 23.14 16.64
C ILE A 54 -4.66 22.12 16.05
N ILE A 55 -5.14 21.28 15.13
CA ILE A 55 -4.37 20.14 14.63
C ILE A 55 -4.28 20.24 13.13
N ALA A 56 -3.08 20.12 12.57
CA ALA A 56 -2.91 20.18 11.14
C ALA A 56 -3.30 18.85 10.52
N GLU A 57 -3.86 18.92 9.31
CA GLU A 57 -4.31 17.70 8.64
C GLU A 57 -3.25 17.03 7.79
N ASP A 58 -2.05 17.60 7.66
CA ASP A 58 -1.03 17.04 6.78
C ASP A 58 0.18 16.54 7.55
N VAL A 59 -0.06 15.89 8.68
CA VAL A 59 1.01 15.40 9.54
C VAL A 59 1.30 13.95 9.18
N ASP A 60 2.57 13.66 8.90
CA ASP A 60 3.08 12.34 8.48
C ASP A 60 4.43 12.08 9.11
N PRO A 61 4.58 11.05 9.94
CA PRO A 61 3.57 10.04 10.31
C PRO A 61 2.45 10.56 11.20
N GLU A 62 1.26 9.96 11.03
CA GLU A 62 0.09 10.36 11.79
C GLU A 62 0.28 10.25 13.29
N GLU A 63 1.09 9.27 13.74
CA GLU A 63 1.25 9.02 15.17
C GLU A 63 1.82 10.21 15.92
N ILE A 64 2.32 11.24 15.23
CA ILE A 64 2.80 12.42 15.95
C ILE A 64 1.65 13.13 16.68
N VAL A 65 0.46 13.16 16.06
CA VAL A 65 -0.70 13.84 16.64
C VAL A 65 -1.87 12.92 16.91
N ALA A 66 -1.75 11.62 16.63
CA ALA A 66 -2.91 10.74 16.70
C ALA A 66 -3.51 10.69 18.09
N HIS A 67 -2.68 10.87 19.13
CA HIS A 67 -3.18 10.82 20.50
C HIS A 67 -4.02 12.03 20.87
N LEU A 68 -3.93 13.14 20.12
CA LEU A 68 -4.59 14.37 20.56
C LEU A 68 -6.12 14.28 20.57
N PRO A 69 -6.81 13.82 19.54
CA PRO A 69 -8.29 13.84 19.58
C PRO A 69 -8.84 13.00 20.72
N PRO A 70 -8.36 11.77 20.94
CA PRO A 70 -8.89 11.01 22.09
C PRO A 70 -8.59 11.69 23.43
N LEU A 71 -7.43 12.32 23.57
CA LEU A 71 -7.11 12.97 24.83
C LEU A 71 -7.97 14.20 25.04
N CYS A 72 -8.14 15.00 23.98
CA CYS A 72 -9.03 16.16 24.05
C CYS A 72 -10.44 15.74 24.40
N GLU A 73 -10.91 14.63 23.85
CA GLU A 73 -12.26 14.18 24.18
C GLU A 73 -12.36 13.77 25.65
N GLU A 74 -11.32 13.11 26.16
CA GLU A 74 -11.35 12.69 27.56
C GLU A 74 -11.36 13.90 28.49
N LYS A 75 -10.51 14.89 28.20
CA LYS A 75 -10.45 16.10 28.99
C LYS A 75 -11.58 17.08 28.64
N GLU A 76 -12.34 16.82 27.58
CA GLU A 76 -13.46 17.67 27.17
C GLU A 76 -12.94 19.05 26.82
N ILE A 77 -11.89 19.08 26.01
CA ILE A 77 -11.32 20.31 25.45
C ILE A 77 -11.59 20.28 23.95
N PRO A 78 -12.12 21.34 23.36
CA PRO A 78 -12.40 21.32 21.93
C PRO A 78 -11.12 21.29 21.11
N TYR A 79 -11.21 20.61 19.97
CA TYR A 79 -10.15 20.61 18.98
C TYR A 79 -10.72 20.88 17.60
N ILE A 80 -9.86 21.40 16.73
CA ILE A 80 -10.25 21.81 15.38
C ILE A 80 -9.06 21.54 14.47
N TYR A 81 -9.36 21.33 13.18
CA TYR A 81 -8.33 21.01 12.20
C TYR A 81 -8.11 22.17 11.24
N VAL A 82 -6.85 22.31 10.82
CA VAL A 82 -6.48 23.18 9.72
C VAL A 82 -5.72 22.38 8.69
N PRO A 83 -5.72 22.76 7.42
CA PRO A 83 -5.12 21.90 6.40
C PRO A 83 -3.60 21.88 6.34
N SER A 84 -2.91 22.88 6.89
CA SER A 84 -1.48 23.04 6.64
C SER A 84 -0.72 23.25 7.94
N LYS A 85 0.15 22.32 8.29
CA LYS A 85 1.03 22.55 9.46
C LYS A 85 1.98 23.74 9.23
N LYS A 86 2.35 23.99 7.99
CA LYS A 86 3.19 25.14 7.68
C LYS A 86 2.47 26.44 8.04
N GLU A 87 1.24 26.62 7.57
CA GLU A 87 0.49 27.82 7.90
C GLU A 87 0.16 27.88 9.39
N LEU A 88 -0.02 26.72 10.05
CA LEU A 88 -0.29 26.75 11.49
C LEU A 88 0.93 27.22 12.26
N GLY A 89 2.12 26.79 11.84
CA GLY A 89 3.34 27.32 12.46
C GLY A 89 3.50 28.83 12.24
N ALA A 90 3.22 29.29 11.02
CA ALA A 90 3.26 30.72 10.75
C ALA A 90 2.28 31.49 11.64
N ALA A 91 1.06 30.98 11.79
CA ALA A 91 0.08 31.64 12.64
C ALA A 91 0.52 31.66 14.09
N ALA A 92 1.27 30.64 14.51
CA ALA A 92 1.76 30.55 15.88
C ALA A 92 3.02 31.39 16.08
N GLY A 93 3.50 32.07 15.03
CA GLY A 93 4.61 32.97 15.19
C GLY A 93 5.98 32.34 15.10
N ILE A 94 6.09 31.12 14.61
CA ILE A 94 7.38 30.44 14.49
C ILE A 94 7.77 30.32 13.02
N GLU A 95 9.00 29.91 12.79
CA GLU A 95 9.62 29.92 11.46
C GLU A 95 9.50 28.59 10.73
N VAL A 96 8.91 27.59 11.36
CA VAL A 96 8.75 26.25 10.80
C VAL A 96 7.31 25.81 11.03
N ALA A 97 6.98 24.61 10.57
CA ALA A 97 5.64 24.08 10.74
C ALA A 97 5.34 23.75 12.19
N ALA A 98 4.05 23.66 12.50
CA ALA A 98 3.60 23.18 13.78
C ALA A 98 2.47 22.19 13.53
N ALA A 99 2.66 20.94 13.96
CA ALA A 99 1.64 19.93 13.74
C ALA A 99 0.42 20.19 14.61
N SER A 100 0.61 20.86 15.76
CA SER A 100 -0.49 21.22 16.63
C SER A 100 -0.10 22.43 17.46
N VAL A 101 -1.14 23.10 17.95
CA VAL A 101 -1.07 24.30 18.77
C VAL A 101 -2.19 24.25 19.80
N ALA A 102 -1.93 24.80 20.97
CA ALA A 102 -2.96 25.01 21.97
C ALA A 102 -3.07 26.50 22.32
N ILE A 103 -4.30 27.01 22.31
CA ILE A 103 -4.59 28.33 22.86
C ILE A 103 -4.83 28.16 24.36
N ILE A 104 -4.04 28.85 25.17
CA ILE A 104 -4.14 28.81 26.63
C ILE A 104 -4.98 29.97 27.14
N GLU A 105 -4.66 31.17 26.70
CA GLU A 105 -5.43 32.38 27.02
C GLU A 105 -5.80 32.99 25.69
N PRO A 106 -7.07 33.03 25.33
CA PRO A 106 -7.45 33.55 24.00
C PRO A 106 -7.22 35.04 23.82
N GLY A 107 -7.16 35.82 24.91
CA GLY A 107 -7.10 37.26 24.73
C GLY A 107 -8.28 37.75 23.91
N LYS A 108 -7.99 38.55 22.89
CA LYS A 108 -9.05 39.08 22.03
C LYS A 108 -9.69 38.00 21.14
N ALA A 109 -9.15 36.79 21.14
CA ALA A 109 -9.78 35.68 20.42
C ALA A 109 -10.83 34.95 21.24
N ARG A 110 -11.28 35.51 22.36
CA ARG A 110 -12.20 34.81 23.24
C ARG A 110 -13.49 34.43 22.50
N ASP A 111 -14.09 35.40 21.80
CA ASP A 111 -15.35 35.13 21.11
C ASP A 111 -15.16 34.20 19.92
N LEU A 112 -14.03 34.32 19.22
CA LEU A 112 -13.71 33.40 18.15
C LEU A 112 -13.56 31.96 18.66
N VAL A 113 -12.92 31.78 19.81
CA VAL A 113 -12.73 30.43 20.35
C VAL A 113 -14.08 29.85 20.78
N GLU A 114 -14.95 30.68 21.35
CA GLU A 114 -16.29 30.23 21.72
C GLU A 114 -17.05 29.77 20.47
N GLU A 115 -17.00 30.56 19.41
CA GLU A 115 -17.65 30.20 18.17
C GLU A 115 -17.15 28.87 17.62
N ILE A 116 -15.83 28.75 17.46
CA ILE A 116 -15.24 27.48 17.00
C ILE A 116 -15.70 26.34 17.90
N ALA A 117 -15.64 26.55 19.23
CA ALA A 117 -16.06 25.50 20.16
C ALA A 117 -17.52 25.10 19.93
N MET A 118 -18.39 26.08 19.71
CA MET A 118 -19.79 25.75 19.48
C MET A 118 -19.97 25.00 18.17
N LYS A 119 -19.22 25.37 17.13
CA LYS A 119 -19.34 24.67 15.84
C LYS A 119 -18.76 23.27 15.92
N VAL A 120 -17.64 23.10 16.63
CA VAL A 120 -17.03 21.79 16.73
C VAL A 120 -17.95 20.82 17.46
N LYS A 121 -18.64 21.31 18.49
CA LYS A 121 -19.56 20.44 19.23
C LYS A 121 -20.59 19.80 18.31
N GLU A 122 -21.07 20.55 17.31
CA GLU A 122 -22.01 19.98 16.35
C GLU A 122 -21.29 19.02 15.40
N LEU A 123 -20.10 19.38 14.94
CA LEU A 123 -19.33 18.50 14.09
C LEU A 123 -18.93 17.21 14.81
N MET A 124 -18.91 17.20 16.14
CA MET A 124 -18.46 16.02 16.86
C MET A 124 -19.51 14.91 16.82
N LYS A 125 -20.79 15.27 16.66
CA LYS A 125 -21.88 14.29 16.69
C LYS A 125 -21.77 13.24 15.59
N ALA B 4 8.56 6.85 7.88
CA ALA B 4 8.20 5.61 7.22
C ALA B 4 9.36 5.07 6.39
N LYS B 5 10.47 5.81 6.34
CA LYS B 5 11.66 5.36 5.63
C LYS B 5 12.62 4.70 6.61
N PRO B 6 13.04 3.45 6.38
CA PRO B 6 13.95 2.80 7.33
C PRO B 6 15.30 3.52 7.41
N SER B 7 16.00 3.25 8.52
CA SER B 7 17.27 3.91 8.78
C SER B 7 18.31 3.63 7.70
N TYR B 8 18.29 2.43 7.12
CA TYR B 8 19.25 2.11 6.06
C TYR B 8 18.95 2.83 4.76
N VAL B 9 17.87 3.60 4.67
CA VAL B 9 17.55 4.40 3.49
C VAL B 9 18.16 5.78 3.71
N LYS B 10 19.29 6.04 3.06
CA LYS B 10 20.16 7.16 3.37
C LYS B 10 19.85 8.41 2.55
N PHE B 11 19.05 8.29 1.49
CA PHE B 11 18.67 9.46 0.70
C PHE B 11 17.33 9.16 0.03
N GLU B 12 16.72 10.22 -0.49
CA GLU B 12 15.40 10.14 -1.11
C GLU B 12 15.52 9.90 -2.60
N VAL B 13 14.86 8.88 -3.10
CA VAL B 13 14.88 8.51 -4.52
C VAL B 13 13.50 8.85 -5.08
N PRO B 14 13.41 9.75 -6.07
CA PRO B 14 12.11 9.95 -6.74
C PRO B 14 11.68 8.69 -7.46
N LYS B 15 10.35 8.51 -7.53
CA LYS B 15 9.77 7.36 -8.23
C LYS B 15 10.28 7.26 -9.66
N GLU B 16 10.37 8.39 -10.37
CA GLU B 16 10.94 8.40 -11.71
C GLU B 16 12.25 7.65 -11.75
N LEU B 17 13.14 7.92 -10.78
CA LEU B 17 14.45 7.29 -10.80
C LEU B 17 14.38 5.83 -10.35
N ALA B 18 13.54 5.54 -9.36
CA ALA B 18 13.39 4.16 -8.92
C ALA B 18 12.89 3.27 -10.07
N GLU B 19 12.00 3.80 -10.90
CA GLU B 19 11.54 3.03 -12.06
CA GLU B 19 11.54 3.03 -12.05
C GLU B 19 12.69 2.76 -13.03
N LYS B 20 13.59 3.71 -13.19
CA LYS B 20 14.74 3.49 -14.05
C LYS B 20 15.63 2.39 -13.50
N ALA B 21 15.75 2.31 -12.18
CA ALA B 21 16.55 1.24 -11.58
C ALA B 21 15.90 -0.12 -11.83
N LEU B 22 14.57 -0.20 -11.71
CA LEU B 22 13.91 -1.49 -12.01
C LEU B 22 14.10 -1.85 -13.48
N GLN B 23 13.97 -0.87 -14.38
CA GLN B 23 14.20 -1.11 -15.82
C GLN B 23 15.63 -1.57 -16.07
N ALA B 24 16.61 -1.00 -15.33
CA ALA B 24 17.98 -1.44 -15.51
C ALA B 24 18.17 -2.89 -15.09
N VAL B 25 17.54 -3.28 -13.97
CA VAL B 25 17.64 -4.65 -13.51
C VAL B 25 17.07 -5.60 -14.56
N GLU B 26 15.91 -5.22 -15.14
CA GLU B 26 15.25 -6.13 -16.09
C GLU B 26 16.06 -6.28 -17.37
N ILE B 27 16.55 -5.16 -17.91
CA ILE B 27 17.37 -5.23 -19.12
C ILE B 27 18.69 -5.97 -18.86
N ALA B 28 19.33 -5.68 -17.71
CA ALA B 28 20.56 -6.38 -17.37
C ALA B 28 20.31 -7.88 -17.21
N ARG B 29 19.21 -8.26 -16.56
CA ARG B 29 18.81 -9.67 -16.49
C ARG B 29 18.71 -10.28 -17.88
N ASP B 30 18.13 -9.55 -18.82
CA ASP B 30 17.84 -10.10 -20.14
C ASP B 30 19.05 -10.08 -21.08
N THR B 31 19.99 -9.14 -20.88
CA THR B 31 21.06 -8.94 -21.84
C THR B 31 22.45 -8.94 -21.21
N GLY B 32 22.53 -8.88 -19.89
CA GLY B 32 23.82 -8.91 -19.21
C GLY B 32 23.82 -9.95 -18.10
N LYS B 33 24.20 -9.55 -16.90
CA LYS B 33 24.24 -10.47 -15.77
C LYS B 33 23.92 -9.73 -14.48
N ILE B 34 22.97 -10.28 -13.71
CA ILE B 34 22.66 -9.76 -12.38
C ILE B 34 22.84 -10.89 -11.37
N ARG B 35 22.91 -10.50 -10.10
CA ARG B 35 22.75 -11.42 -8.97
C ARG B 35 21.62 -10.88 -8.11
N LYS B 36 20.88 -11.76 -7.48
CA LYS B 36 19.65 -11.32 -6.82
C LYS B 36 19.51 -12.05 -5.49
N GLY B 37 18.96 -11.35 -4.50
CA GLY B 37 19.02 -11.78 -3.12
C GLY B 37 20.23 -11.22 -2.40
N THR B 38 20.06 -11.02 -1.10
CA THR B 38 21.06 -10.24 -0.35
C THR B 38 22.37 -11.01 -0.16
N ASN B 39 22.31 -12.34 -0.04
CA ASN B 39 23.56 -13.09 0.12
C ASN B 39 24.44 -12.92 -1.11
N GLU B 40 23.88 -13.23 -2.30
CA GLU B 40 24.62 -13.04 -3.54
C GLU B 40 24.98 -11.58 -3.76
N THR B 41 24.05 -10.67 -3.51
CA THR B 41 24.35 -9.25 -3.74
C THR B 41 25.51 -8.81 -2.85
N THR B 42 25.50 -9.22 -1.58
CA THR B 42 26.59 -8.85 -0.67
C THR B 42 27.92 -9.39 -1.18
N LYS B 43 27.96 -10.65 -1.57
CA LYS B 43 29.19 -11.21 -2.12
C LYS B 43 29.68 -10.47 -3.35
N ALA B 44 28.76 -10.08 -4.23
CA ALA B 44 29.15 -9.33 -5.42
C ALA B 44 29.83 -8.02 -5.05
N VAL B 45 29.38 -7.40 -3.96
CA VAL B 45 30.01 -6.14 -3.53
C VAL B 45 31.37 -6.43 -2.91
N GLU B 46 31.41 -7.41 -1.99
CA GLU B 46 32.67 -7.81 -1.36
C GLU B 46 33.75 -8.11 -2.38
N ARG B 47 33.39 -8.72 -3.49
CA ARG B 47 34.34 -9.10 -4.53
C ARG B 47 34.55 -8.00 -5.56
N GLY B 48 33.95 -6.83 -5.39
CA GLY B 48 34.17 -5.76 -6.34
C GLY B 48 33.56 -6.00 -7.71
N GLN B 49 32.52 -6.81 -7.78
CA GLN B 49 31.95 -7.20 -9.07
C GLN B 49 30.67 -6.44 -9.42
N ALA B 50 29.95 -5.92 -8.44
CA ALA B 50 28.72 -5.20 -8.74
C ALA B 50 29.03 -3.82 -9.34
N LYS B 51 28.28 -3.46 -10.37
CA LYS B 51 28.32 -2.14 -10.96
C LYS B 51 27.28 -1.23 -10.36
N LEU B 52 26.17 -1.79 -9.88
CA LEU B 52 25.10 -1.03 -9.27
C LEU B 52 24.39 -1.95 -8.31
N VAL B 53 24.09 -1.46 -7.11
CA VAL B 53 23.34 -2.22 -6.14
C VAL B 53 21.97 -1.59 -5.94
N ILE B 54 20.93 -2.42 -5.99
CA ILE B 54 19.56 -1.96 -5.87
C ILE B 54 18.96 -2.55 -4.59
N ILE B 55 18.40 -1.68 -3.73
CA ILE B 55 17.95 -2.07 -2.40
C ILE B 55 16.51 -1.65 -2.25
N ALA B 56 15.65 -2.60 -1.84
CA ALA B 56 14.26 -2.24 -1.55
C ALA B 56 14.13 -1.47 -0.24
N GLU B 57 13.15 -0.58 -0.20
CA GLU B 57 12.89 0.27 0.96
C GLU B 57 11.99 -0.36 2.01
N ASP B 58 11.36 -1.51 1.73
CA ASP B 58 10.39 -2.09 2.63
C ASP B 58 10.90 -3.40 3.24
N VAL B 59 12.18 -3.45 3.58
CA VAL B 59 12.78 -4.66 4.14
C VAL B 59 12.67 -4.61 5.67
N ASP B 60 12.06 -5.65 6.23
CA ASP B 60 11.85 -5.73 7.68
C ASP B 60 12.10 -7.15 8.13
N PRO B 61 13.09 -7.40 9.00
CA PRO B 61 13.98 -6.46 9.70
C PRO B 61 15.00 -5.71 8.82
N GLU B 62 15.24 -4.44 9.16
CA GLU B 62 16.22 -3.64 8.46
C GLU B 62 17.59 -4.31 8.43
N GLU B 63 17.90 -5.12 9.45
CA GLU B 63 19.20 -5.76 9.57
C GLU B 63 19.57 -6.53 8.32
N ILE B 64 18.58 -7.01 7.57
CA ILE B 64 18.87 -7.85 6.41
C ILE B 64 19.74 -7.10 5.42
N VAL B 65 19.48 -5.81 5.21
CA VAL B 65 20.16 -5.04 4.18
C VAL B 65 20.91 -3.85 4.74
N ALA B 66 20.87 -3.62 6.06
CA ALA B 66 21.48 -2.42 6.61
C ALA B 66 22.97 -2.34 6.34
N HIS B 67 23.62 -3.47 6.13
CA HIS B 67 25.07 -3.51 5.94
C HIS B 67 25.47 -3.10 4.51
N LEU B 68 24.52 -3.05 3.58
CA LEU B 68 24.91 -2.83 2.19
C LEU B 68 25.39 -1.41 1.91
N PRO B 69 24.71 -0.35 2.33
CA PRO B 69 25.20 1.01 2.02
C PRO B 69 26.60 1.24 2.53
N PRO B 70 26.91 0.88 3.79
CA PRO B 70 28.30 1.03 4.27
C PRO B 70 29.29 0.24 3.42
N LEU B 71 28.95 -1.02 3.10
CA LEU B 71 29.86 -1.84 2.31
C LEU B 71 30.03 -1.27 0.89
N CYS B 72 28.93 -0.82 0.27
CA CYS B 72 29.03 -0.23 -1.07
C CYS B 72 29.88 1.02 -1.06
N GLU B 73 29.76 1.84 -0.01
CA GLU B 73 30.54 3.07 0.06
C GLU B 73 32.03 2.79 0.16
N GLU B 74 32.41 1.83 1.01
CA GLU B 74 33.82 1.46 1.09
C GLU B 74 34.34 0.96 -0.25
N LYS B 75 33.53 0.17 -0.95
CA LYS B 75 33.90 -0.40 -2.24
C LYS B 75 33.71 0.55 -3.40
N GLU B 76 33.19 1.74 -3.16
CA GLU B 76 32.96 2.74 -4.20
C GLU B 76 32.03 2.21 -5.29
N ILE B 77 31.04 1.43 -4.88
CA ILE B 77 30.03 0.90 -5.78
C ILE B 77 28.73 1.67 -5.53
N PRO B 78 28.09 2.21 -6.56
CA PRO B 78 26.86 2.97 -6.32
C PRO B 78 25.69 2.07 -5.97
N TYR B 79 24.81 2.60 -5.11
CA TYR B 79 23.59 1.91 -4.75
C TYR B 79 22.40 2.86 -4.87
N ILE B 80 21.24 2.27 -5.08
CA ILE B 80 19.99 3.01 -5.24
C ILE B 80 18.84 2.20 -4.62
N TYR B 81 17.78 2.90 -4.23
CA TYR B 81 16.65 2.31 -3.52
C TYR B 81 15.43 2.25 -4.41
N VAL B 82 14.69 1.15 -4.31
CA VAL B 82 13.38 1.02 -4.94
C VAL B 82 12.39 0.74 -3.81
N PRO B 83 11.11 1.08 -4.03
CA PRO B 83 10.16 1.01 -2.90
C PRO B 83 9.79 -0.40 -2.44
N SER B 84 9.76 -1.38 -3.33
CA SER B 84 9.07 -2.64 -3.07
C SER B 84 9.96 -3.83 -3.39
N LYS B 85 10.25 -4.65 -2.38
CA LYS B 85 11.01 -5.86 -2.59
C LYS B 85 10.27 -6.84 -3.48
N LYS B 86 8.93 -6.79 -3.47
CA LYS B 86 8.15 -7.68 -4.35
C LYS B 86 8.42 -7.34 -5.81
N GLU B 87 8.38 -6.06 -6.16
CA GLU B 87 8.64 -5.65 -7.54
CA GLU B 87 8.63 -5.72 -7.55
C GLU B 87 10.10 -5.84 -7.91
N LEU B 88 11.02 -5.67 -6.93
CA LEU B 88 12.44 -5.92 -7.24
C LEU B 88 12.68 -7.39 -7.55
N GLY B 89 11.99 -8.29 -6.85
CA GLY B 89 12.08 -9.70 -7.17
C GLY B 89 11.56 -10.01 -8.56
N ALA B 90 10.41 -9.42 -8.91
CA ALA B 90 9.86 -9.58 -10.26
C ALA B 90 10.84 -9.07 -11.30
N ALA B 91 11.40 -7.86 -11.08
CA ALA B 91 12.36 -7.30 -12.04
C ALA B 91 13.55 -8.23 -12.26
N ALA B 92 14.00 -8.88 -11.19
CA ALA B 92 15.15 -9.79 -11.26
C ALA B 92 14.82 -11.15 -11.86
N GLY B 93 13.58 -11.38 -12.25
CA GLY B 93 13.21 -12.63 -12.91
C GLY B 93 13.04 -13.81 -12.00
N ILE B 94 12.79 -13.61 -10.71
CA ILE B 94 12.51 -14.72 -9.81
C ILE B 94 11.05 -14.65 -9.36
N GLU B 95 10.62 -15.69 -8.65
CA GLU B 95 9.21 -15.91 -8.34
C GLU B 95 8.81 -15.37 -6.98
N VAL B 96 9.76 -14.76 -6.25
CA VAL B 96 9.52 -14.22 -4.94
C VAL B 96 10.17 -12.84 -4.87
N ALA B 97 10.04 -12.20 -3.72
CA ALA B 97 10.63 -10.88 -3.54
C ALA B 97 12.15 -10.97 -3.46
N ALA B 98 12.81 -9.82 -3.66
CA ALA B 98 14.24 -9.70 -3.44
C ALA B 98 14.49 -8.39 -2.70
N ALA B 99 15.13 -8.51 -1.53
CA ALA B 99 15.46 -7.32 -0.77
C ALA B 99 16.60 -6.51 -1.40
N SER B 100 17.46 -7.15 -2.18
CA SER B 100 18.51 -6.44 -2.89
C SER B 100 18.93 -7.21 -4.14
N VAL B 101 19.57 -6.49 -5.05
CA VAL B 101 20.01 -7.04 -6.32
C VAL B 101 21.30 -6.33 -6.67
N ALA B 102 22.18 -7.04 -7.37
CA ALA B 102 23.37 -6.41 -7.95
C ALA B 102 23.37 -6.62 -9.46
N ILE B 103 23.69 -5.56 -10.19
CA ILE B 103 23.95 -5.64 -11.61
C ILE B 103 25.45 -5.83 -11.79
N ILE B 104 25.83 -6.94 -12.43
CA ILE B 104 27.23 -7.26 -12.66
C ILE B 104 27.65 -6.79 -14.04
N GLU B 105 26.92 -7.23 -15.06
CA GLU B 105 27.14 -6.78 -16.44
C GLU B 105 25.88 -6.06 -16.91
N PRO B 106 25.90 -4.75 -17.13
CA PRO B 106 24.67 -4.05 -17.52
C PRO B 106 24.13 -4.49 -18.86
N GLY B 107 24.98 -5.01 -19.74
CA GLY B 107 24.53 -5.33 -21.09
C GLY B 107 23.98 -4.07 -21.72
N LYS B 108 22.75 -4.19 -22.23
CA LYS B 108 22.05 -3.07 -22.86
C LYS B 108 21.56 -2.03 -21.86
N ALA B 109 21.70 -2.27 -20.55
CA ALA B 109 21.35 -1.29 -19.53
C ALA B 109 22.51 -0.36 -19.20
N ARG B 110 23.61 -0.42 -19.94
CA ARG B 110 24.81 0.37 -19.58
C ARG B 110 24.47 1.85 -19.47
N ASP B 111 23.69 2.39 -20.42
CA ASP B 111 23.35 3.81 -20.38
C ASP B 111 22.52 4.14 -19.14
N LEU B 112 21.54 3.29 -18.83
CA LEU B 112 20.74 3.50 -17.64
C LEU B 112 21.56 3.43 -16.35
N VAL B 113 22.48 2.47 -16.28
CA VAL B 113 23.25 2.30 -15.05
C VAL B 113 24.13 3.52 -14.82
N GLU B 114 24.78 4.00 -15.89
CA GLU B 114 25.61 5.20 -15.76
C GLU B 114 24.78 6.42 -15.40
N GLU B 115 23.62 6.58 -16.03
CA GLU B 115 22.72 7.67 -15.67
C GLU B 115 22.33 7.62 -14.20
N ILE B 116 21.95 6.44 -13.70
CA ILE B 116 21.61 6.28 -12.30
C ILE B 116 22.81 6.56 -11.40
N ALA B 117 23.97 6.04 -11.78
CA ALA B 117 25.15 6.26 -10.95
C ALA B 117 25.40 7.75 -10.76
N MET B 118 25.28 8.53 -11.83
CA MET B 118 25.59 9.95 -11.74
C MET B 118 24.59 10.67 -10.85
N LYS B 119 23.31 10.27 -10.90
CA LYS B 119 22.33 10.94 -10.03
C LYS B 119 22.52 10.55 -8.57
N VAL B 120 22.84 9.27 -8.33
CA VAL B 120 23.12 8.84 -6.96
C VAL B 120 24.28 9.65 -6.37
N LYS B 121 25.34 9.88 -7.17
CA LYS B 121 26.45 10.71 -6.70
C LYS B 121 25.96 12.03 -6.14
N GLU B 122 24.91 12.60 -6.74
CA GLU B 122 24.39 13.88 -6.26
C GLU B 122 23.53 13.70 -5.01
N LEU B 123 22.73 12.63 -4.97
CA LEU B 123 21.95 12.33 -3.79
C LEU B 123 22.82 11.93 -2.59
N MET B 124 24.06 11.50 -2.84
CA MET B 124 24.99 11.17 -1.78
C MET B 124 25.65 12.41 -1.16
N LYS B 125 25.55 13.57 -1.81
CA LYS B 125 26.20 14.79 -1.32
C LYS B 125 25.74 15.12 0.10
N MET C 3 5.68 -16.62 5.79
CA MET C 3 4.75 -16.24 4.69
C MET C 3 4.01 -14.94 5.03
N ALA C 4 3.16 -14.49 4.10
CA ALA C 4 2.45 -13.24 4.27
C ALA C 4 0.94 -13.41 4.08
N LYS C 5 0.21 -12.30 4.09
CA LYS C 5 -1.24 -12.30 4.15
C LYS C 5 -1.80 -11.35 3.10
N PRO C 6 -3.12 -11.24 2.92
CA PRO C 6 -3.67 -10.16 2.08
C PRO C 6 -3.20 -8.80 2.58
N SER C 7 -3.30 -7.80 1.69
CA SER C 7 -2.81 -6.46 2.05
C SER C 7 -3.64 -5.78 3.13
N TYR C 8 -4.91 -6.19 3.31
CA TYR C 8 -5.70 -5.59 4.37
C TYR C 8 -5.35 -6.12 5.75
N VAL C 9 -4.48 -7.12 5.85
CA VAL C 9 -3.98 -7.60 7.13
C VAL C 9 -2.77 -6.73 7.49
N LYS C 10 -2.95 -5.85 8.48
CA LYS C 10 -1.97 -4.83 8.81
C LYS C 10 -0.94 -5.28 9.82
N PHE C 11 -1.18 -6.37 10.53
CA PHE C 11 -0.18 -6.87 11.48
C PHE C 11 -0.36 -8.36 11.65
N GLU C 12 0.65 -8.99 12.26
CA GLU C 12 0.69 -10.43 12.45
C GLU C 12 0.06 -10.79 13.78
N VAL C 13 -0.89 -11.72 13.75
CA VAL C 13 -1.62 -12.16 14.94
C VAL C 13 -1.18 -13.57 15.27
N PRO C 14 -0.58 -13.81 16.44
CA PRO C 14 -0.25 -15.19 16.82
C PRO C 14 -1.52 -16.02 16.97
N LYS C 15 -1.39 -17.32 16.67
CA LYS C 15 -2.53 -18.24 16.79
C LYS C 15 -3.19 -18.17 18.16
N GLU C 16 -2.37 -18.09 19.23
CA GLU C 16 -2.96 -18.02 20.57
C GLU C 16 -3.89 -16.80 20.71
N LEU C 17 -3.50 -15.66 20.14
CA LEU C 17 -4.34 -14.47 20.24
C LEU C 17 -5.59 -14.61 19.37
N ALA C 18 -5.43 -15.20 18.18
CA ALA C 18 -6.58 -15.41 17.31
C ALA C 18 -7.61 -16.32 17.96
N GLU C 19 -7.15 -17.34 18.69
CA GLU C 19 -8.08 -18.24 19.39
C GLU C 19 -8.83 -17.51 20.48
N LYS C 20 -8.15 -16.58 21.18
CA LYS C 20 -8.83 -15.74 22.15
C LYS C 20 -9.91 -14.87 21.50
N ALA C 21 -9.64 -14.36 20.30
CA ALA C 21 -10.63 -13.56 19.61
C ALA C 21 -11.87 -14.40 19.26
N LEU C 22 -11.66 -15.62 18.74
CA LEU C 22 -12.79 -16.50 18.46
C LEU C 22 -13.56 -16.83 19.73
N GLN C 23 -12.83 -17.06 20.83
CA GLN C 23 -13.50 -17.33 22.11
C GLN C 23 -14.31 -16.12 22.57
N ALA C 24 -13.78 -14.92 22.35
CA ALA C 24 -14.51 -13.71 22.73
C ALA C 24 -15.81 -13.60 21.94
N VAL C 25 -15.77 -13.90 20.63
CA VAL C 25 -16.97 -13.85 19.81
C VAL C 25 -18.00 -14.83 20.33
N GLU C 26 -17.55 -16.06 20.64
CA GLU C 26 -18.48 -17.10 21.11
C GLU C 26 -19.14 -16.71 22.42
N ILE C 27 -18.35 -16.27 23.41
CA ILE C 27 -18.88 -15.91 24.71
C ILE C 27 -19.79 -14.68 24.60
N ALA C 28 -19.38 -13.69 23.81
CA ALA C 28 -20.22 -12.51 23.63
C ALA C 28 -21.53 -12.87 22.93
N ARG C 29 -21.47 -13.73 21.90
CA ARG C 29 -22.71 -14.27 21.30
C ARG C 29 -23.62 -14.88 22.35
N ASP C 30 -23.04 -15.64 23.29
CA ASP C 30 -23.83 -16.37 24.26
C ASP C 30 -24.32 -15.51 25.44
N THR C 31 -23.59 -14.46 25.81
CA THR C 31 -23.88 -13.74 27.03
C THR C 31 -24.03 -12.23 26.83
N GLY C 32 -23.79 -11.74 25.61
CA GLY C 32 -23.79 -10.31 25.31
C GLY C 32 -24.50 -10.07 23.99
N LYS C 33 -23.85 -9.37 23.07
CA LYS C 33 -24.45 -9.11 21.76
C LYS C 33 -23.35 -8.94 20.73
N ILE C 34 -23.47 -9.65 19.60
CA ILE C 34 -22.57 -9.43 18.47
C ILE C 34 -23.39 -9.05 17.24
N ARG C 35 -22.70 -8.52 16.24
CA ARG C 35 -23.20 -8.35 14.89
C ARG C 35 -22.29 -9.14 13.96
N LYS C 36 -22.85 -9.83 12.96
CA LYS C 36 -22.02 -10.70 12.13
C LYS C 36 -22.32 -10.48 10.67
N GLY C 37 -21.28 -10.57 9.85
CA GLY C 37 -21.38 -10.15 8.46
C GLY C 37 -20.85 -8.75 8.28
N THR C 38 -20.30 -8.49 7.10
CA THR C 38 -19.57 -7.25 6.89
C THR C 38 -20.48 -6.03 6.80
N ASN C 39 -21.72 -6.19 6.31
CA ASN C 39 -22.60 -5.04 6.25
CA ASN C 39 -22.61 -5.03 6.25
C ASN C 39 -22.96 -4.56 7.65
N GLU C 40 -23.33 -5.50 8.53
CA GLU C 40 -23.70 -5.17 9.89
C GLU C 40 -22.49 -4.74 10.71
N THR C 41 -21.34 -5.38 10.48
CA THR C 41 -20.11 -5.00 11.18
C THR C 41 -19.72 -3.55 10.83
N THR C 42 -19.76 -3.23 9.54
CA THR C 42 -19.41 -1.88 9.11
C THR C 42 -20.33 -0.83 9.73
N LYS C 43 -21.63 -1.11 9.79
CA LYS C 43 -22.56 -0.18 10.41
C LYS C 43 -22.31 -0.03 11.92
N ALA C 44 -21.97 -1.13 12.60
CA ALA C 44 -21.66 -1.05 14.03
C ALA C 44 -20.45 -0.15 14.27
N VAL C 45 -19.46 -0.19 13.36
CA VAL C 45 -18.30 0.71 13.47
C VAL C 45 -18.71 2.14 13.16
N GLU C 46 -19.44 2.34 12.06
CA GLU C 46 -19.87 3.69 11.67
C GLU C 46 -20.68 4.34 12.79
N ARG C 47 -21.46 3.56 13.51
CA ARG C 47 -22.29 4.06 14.59
C ARG C 47 -21.57 4.11 15.93
N GLY C 48 -20.30 3.72 15.99
CA GLY C 48 -19.57 3.77 17.25
C GLY C 48 -20.01 2.76 18.28
N GLN C 49 -20.62 1.64 17.84
CA GLN C 49 -21.18 0.66 18.75
C GLN C 49 -20.28 -0.55 18.97
N ALA C 50 -19.36 -0.83 18.04
CA ALA C 50 -18.49 -1.99 18.18
C ALA C 50 -17.42 -1.73 19.22
N LYS C 51 -17.19 -2.71 20.06
CA LYS C 51 -16.10 -2.68 21.03
C LYS C 51 -14.85 -3.36 20.49
N LEU C 52 -15.05 -4.32 19.59
CA LEU C 52 -13.96 -5.03 18.95
C LEU C 52 -14.48 -5.51 17.62
N VAL C 53 -13.66 -5.38 16.57
CA VAL C 53 -13.96 -5.90 15.26
C VAL C 53 -13.02 -7.07 14.98
N ILE C 54 -13.58 -8.14 14.43
CA ILE C 54 -12.85 -9.36 14.11
C ILE C 54 -12.95 -9.58 12.60
N ILE C 55 -11.80 -9.69 11.95
CA ILE C 55 -11.71 -9.74 10.49
C ILE C 55 -10.98 -11.00 10.10
N ALA C 56 -11.59 -11.81 9.24
CA ALA C 56 -10.93 -13.01 8.74
C ALA C 56 -9.83 -12.65 7.75
N GLU C 57 -8.80 -13.49 7.71
CA GLU C 57 -7.62 -13.25 6.88
C GLU C 57 -7.71 -13.85 5.48
N ASP C 58 -8.73 -14.66 5.20
CA ASP C 58 -8.83 -15.36 3.93
C ASP C 58 -10.01 -14.86 3.09
N VAL C 59 -10.20 -13.55 3.02
CA VAL C 59 -11.33 -12.95 2.31
C VAL C 59 -10.86 -12.59 0.91
N ASP C 60 -11.54 -13.12 -0.10
CA ASP C 60 -11.22 -12.89 -1.51
C ASP C 60 -12.52 -12.65 -2.26
N PRO C 61 -12.70 -11.48 -2.88
CA PRO C 61 -11.76 -10.35 -3.03
C PRO C 61 -11.52 -9.58 -1.74
N GLU C 62 -10.29 -9.05 -1.59
CA GLU C 62 -9.94 -8.29 -0.39
C GLU C 62 -10.88 -7.12 -0.18
N GLU C 63 -11.41 -6.58 -1.29
CA GLU C 63 -12.25 -5.39 -1.21
C GLU C 63 -13.46 -5.57 -0.32
N ILE C 64 -13.84 -6.81 0.01
CA ILE C 64 -14.98 -7.00 0.91
C ILE C 64 -14.72 -6.34 2.27
N VAL C 65 -13.52 -6.52 2.82
CA VAL C 65 -13.19 -6.06 4.16
C VAL C 65 -12.08 -5.01 4.17
N ALA C 66 -11.55 -4.65 3.01
CA ALA C 66 -10.39 -3.77 2.98
C ALA C 66 -10.69 -2.42 3.62
N HIS C 67 -11.97 -2.02 3.67
CA HIS C 67 -12.34 -0.75 4.24
CA HIS C 67 -12.31 -0.74 4.25
C HIS C 67 -12.42 -0.76 5.77
N LEU C 68 -12.41 -1.96 6.40
CA LEU C 68 -12.65 -1.98 7.84
C LEU C 68 -11.49 -1.41 8.66
N PRO C 69 -10.24 -1.78 8.42
CA PRO C 69 -9.16 -1.29 9.30
C PRO C 69 -9.11 0.24 9.33
N PRO C 70 -9.11 0.91 8.18
CA PRO C 70 -9.09 2.39 8.24
C PRO C 70 -10.33 2.98 8.89
N LEU C 71 -11.50 2.35 8.74
CA LEU C 71 -12.69 2.87 9.40
C LEU C 71 -12.61 2.68 10.90
N CYS C 72 -12.17 1.50 11.35
CA CYS C 72 -11.94 1.26 12.78
C CYS C 72 -10.94 2.26 13.37
N GLU C 73 -9.85 2.52 12.68
CA GLU C 73 -8.84 3.48 13.17
C GLU C 73 -9.42 4.88 13.37
N GLU C 74 -10.18 5.37 12.38
CA GLU C 74 -10.81 6.67 12.54
C GLU C 74 -11.76 6.67 13.74
N LYS C 75 -12.48 5.56 13.95
CA LYS C 75 -13.45 5.47 15.05
C LYS C 75 -12.83 5.09 16.38
N GLU C 76 -11.52 4.83 16.40
CA GLU C 76 -10.82 4.38 17.59
C GLU C 76 -11.44 3.10 18.15
N ILE C 77 -11.75 2.18 17.25
CA ILE C 77 -12.28 0.87 17.61
C ILE C 77 -11.23 -0.17 17.27
N PRO C 78 -10.82 -1.01 18.23
CA PRO C 78 -9.78 -2.00 17.92
C PRO C 78 -10.32 -3.12 17.04
N TYR C 79 -9.41 -3.68 16.24
CA TYR C 79 -9.70 -4.79 15.36
C TYR C 79 -8.61 -5.83 15.49
N ILE C 80 -8.99 -7.09 15.21
CA ILE C 80 -8.09 -8.23 15.31
C ILE C 80 -8.41 -9.18 14.17
N TYR C 81 -7.43 -9.95 13.72
CA TYR C 81 -7.58 -10.87 12.62
C TYR C 81 -7.62 -12.30 13.11
N VAL C 82 -8.47 -13.09 12.47
CA VAL C 82 -8.50 -14.55 12.64
C VAL C 82 -8.28 -15.17 11.26
N PRO C 83 -7.73 -16.38 11.18
CA PRO C 83 -7.30 -16.90 9.88
C PRO C 83 -8.43 -17.34 8.97
N SER C 84 -9.62 -17.70 9.49
CA SER C 84 -10.61 -18.42 8.71
C SER C 84 -12.00 -17.80 8.85
N LYS C 85 -12.57 -17.40 7.74
CA LYS C 85 -13.95 -16.89 7.73
C LYS C 85 -14.95 -17.99 8.03
N LYS C 86 -14.68 -19.23 7.60
CA LYS C 86 -15.56 -20.33 7.99
C LYS C 86 -15.63 -20.45 9.52
N GLU C 87 -14.47 -20.42 10.19
CA GLU C 87 -14.50 -20.58 11.64
CA GLU C 87 -14.43 -20.54 11.65
C GLU C 87 -15.08 -19.33 12.32
N LEU C 88 -14.85 -18.15 11.75
CA LEU C 88 -15.46 -16.95 12.35
C LEU C 88 -16.98 -17.01 12.26
N GLY C 89 -17.52 -17.48 11.14
CA GLY C 89 -18.97 -17.63 11.04
C GLY C 89 -19.49 -18.63 12.04
N ALA C 90 -18.80 -19.76 12.21
CA ALA C 90 -19.22 -20.73 13.23
C ALA C 90 -19.21 -20.11 14.62
N ALA C 91 -18.15 -19.36 14.93
CA ALA C 91 -18.05 -18.69 16.23
C ALA C 91 -19.20 -17.72 16.43
N ALA C 92 -19.61 -17.02 15.38
CA ALA C 92 -20.71 -16.09 15.47
C ALA C 92 -22.08 -16.78 15.52
N GLY C 93 -22.13 -18.10 15.43
CA GLY C 93 -23.39 -18.79 15.59
C GLY C 93 -24.25 -18.85 14.34
N ILE C 94 -23.68 -18.66 13.16
CA ILE C 94 -24.44 -18.77 11.93
C ILE C 94 -23.96 -19.99 11.14
N GLU C 95 -24.67 -20.30 10.05
CA GLU C 95 -24.46 -21.55 9.35
C GLU C 95 -23.52 -21.41 8.18
N VAL C 96 -23.04 -20.19 7.91
CA VAL C 96 -22.12 -19.92 6.79
C VAL C 96 -20.93 -19.14 7.33
N ALA C 97 -20.00 -18.85 6.43
CA ALA C 97 -18.83 -18.04 6.78
C ALA C 97 -19.22 -16.62 7.14
N ALA C 98 -18.30 -15.95 7.87
CA ALA C 98 -18.44 -14.53 8.15
C ALA C 98 -17.08 -13.90 7.89
N ALA C 99 -17.03 -12.95 6.95
CA ALA C 99 -15.79 -12.24 6.70
C ALA C 99 -15.39 -11.31 7.84
N SER C 100 -16.37 -10.80 8.59
CA SER C 100 -16.09 -9.92 9.73
C SER C 100 -17.27 -10.00 10.72
N VAL C 101 -16.96 -9.65 11.95
CA VAL C 101 -17.86 -9.70 13.09
C VAL C 101 -17.54 -8.50 13.95
N ALA C 102 -18.56 -7.94 14.61
CA ALA C 102 -18.40 -6.91 15.62
C ALA C 102 -18.96 -7.39 16.96
N ILE C 103 -18.17 -7.27 18.02
CA ILE C 103 -18.68 -7.45 19.37
C ILE C 103 -19.24 -6.12 19.83
N ILE C 104 -20.52 -6.10 20.17
CA ILE C 104 -21.18 -4.88 20.64
C ILE C 104 -21.19 -4.82 22.17
N GLU C 105 -21.67 -5.88 22.80
CA GLU C 105 -21.65 -6.03 24.25
C GLU C 105 -20.87 -7.30 24.56
N PRO C 106 -19.72 -7.21 25.23
CA PRO C 106 -18.91 -8.43 25.44
C PRO C 106 -19.53 -9.43 26.41
N GLY C 107 -20.42 -9.00 27.30
CA GLY C 107 -20.99 -9.90 28.28
C GLY C 107 -19.86 -10.47 29.13
N LYS C 108 -19.83 -11.79 29.25
CA LYS C 108 -18.78 -12.44 30.04
C LYS C 108 -17.42 -12.41 29.36
N ALA C 109 -17.34 -11.91 28.12
CA ALA C 109 -16.07 -11.79 27.41
C ALA C 109 -15.37 -10.44 27.65
N ARG C 110 -15.83 -9.63 28.61
CA ARG C 110 -15.25 -8.30 28.82
C ARG C 110 -13.74 -8.36 29.08
N ASP C 111 -13.30 -9.28 29.95
CA ASP C 111 -11.86 -9.40 30.21
C ASP C 111 -11.10 -9.79 28.95
N LEU C 112 -11.64 -10.76 28.20
CA LEU C 112 -10.98 -11.21 26.98
C LEU C 112 -10.89 -10.06 25.97
N VAL C 113 -11.96 -9.29 25.81
CA VAL C 113 -11.94 -8.21 24.83
C VAL C 113 -10.91 -7.16 25.22
N GLU C 114 -10.85 -6.84 26.50
CA GLU C 114 -9.87 -5.85 26.98
C GLU C 114 -8.44 -6.36 26.78
N GLU C 115 -8.17 -7.61 27.13
CA GLU C 115 -6.87 -8.20 26.88
C GLU C 115 -6.48 -8.12 25.40
N ILE C 116 -7.40 -8.50 24.50
CA ILE C 116 -7.12 -8.42 23.07
C ILE C 116 -6.84 -6.98 22.65
N ALA C 117 -7.70 -6.07 23.06
CA ALA C 117 -7.52 -4.66 22.68
C ALA C 117 -6.12 -4.19 23.03
N MET C 118 -5.65 -4.53 24.25
CA MET C 118 -4.36 -4.04 24.70
C MET C 118 -3.22 -4.68 23.92
N LYS C 119 -3.38 -5.95 23.52
CA LYS C 119 -2.37 -6.59 22.68
C LYS C 119 -2.39 -5.98 21.26
N VAL C 120 -3.58 -5.68 20.75
CA VAL C 120 -3.67 -5.03 19.44
C VAL C 120 -2.98 -3.67 19.45
N LYS C 121 -3.23 -2.86 20.49
CA LYS C 121 -2.58 -1.56 20.60
C LYS C 121 -1.07 -1.65 20.42
N GLU C 122 -0.46 -2.75 20.89
CA GLU C 122 0.97 -2.94 20.69
C GLU C 122 1.29 -3.33 19.25
N LEU C 123 0.50 -4.24 18.68
CA LEU C 123 0.71 -4.66 17.29
C LEU C 123 0.43 -3.53 16.30
N MET C 124 -0.32 -2.49 16.70
CA MET C 124 -0.58 -1.37 15.82
C MET C 124 0.63 -0.46 15.67
N LYS C 125 1.61 -0.56 16.56
CA LYS C 125 2.83 0.24 16.48
C LYS C 125 3.81 -0.35 15.46
N LYS D 5 -15.11 -21.11 -18.10
CA LYS D 5 -14.32 -20.00 -18.63
C LYS D 5 -15.06 -19.28 -19.74
N PRO D 6 -14.75 -18.00 -19.94
CA PRO D 6 -15.43 -17.22 -20.97
C PRO D 6 -15.39 -17.92 -22.33
N SER D 7 -16.41 -17.63 -23.15
CA SER D 7 -16.51 -18.25 -24.46
C SER D 7 -15.35 -17.85 -25.38
N TYR D 8 -14.65 -16.74 -25.09
CA TYR D 8 -13.55 -16.38 -25.97
C TYR D 8 -12.29 -17.19 -25.69
N VAL D 9 -12.29 -18.02 -24.65
CA VAL D 9 -11.14 -18.85 -24.29
C VAL D 9 -11.33 -20.18 -25.00
N LYS D 10 -10.45 -20.49 -25.95
CA LYS D 10 -10.66 -21.61 -26.87
C LYS D 10 -9.94 -22.88 -26.43
N PHE D 11 -9.02 -22.80 -25.48
CA PHE D 11 -8.30 -23.98 -25.04
C PHE D 11 -7.76 -23.72 -23.64
N GLU D 12 -7.38 -24.81 -22.98
CA GLU D 12 -6.86 -24.74 -21.61
C GLU D 12 -5.34 -24.59 -21.66
N VAL D 13 -4.82 -23.58 -20.98
CA VAL D 13 -3.39 -23.30 -21.01
C VAL D 13 -2.77 -23.78 -19.70
N PRO D 14 -1.77 -24.66 -19.73
CA PRO D 14 -1.05 -25.01 -18.49
C PRO D 14 -0.43 -23.79 -17.85
N LYS D 15 -0.33 -23.82 -16.52
CA LYS D 15 0.21 -22.69 -15.79
C LYS D 15 1.63 -22.34 -16.22
N GLU D 16 2.49 -23.34 -16.43
CA GLU D 16 3.86 -23.08 -16.87
CA GLU D 16 3.86 -23.06 -16.85
C GLU D 16 3.90 -22.36 -18.21
N LEU D 17 2.92 -22.64 -19.09
CA LEU D 17 2.90 -22.00 -20.39
C LEU D 17 2.40 -20.57 -20.29
N ALA D 18 1.39 -20.32 -19.44
CA ALA D 18 0.97 -18.94 -19.18
C ALA D 18 2.10 -18.12 -18.55
N GLU D 19 2.86 -18.72 -17.63
CA GLU D 19 4.03 -18.03 -17.09
C GLU D 19 5.02 -17.67 -18.19
N LYS D 20 5.23 -18.57 -19.16
CA LYS D 20 6.15 -18.27 -20.24
C LYS D 20 5.64 -17.13 -21.10
N ALA D 21 4.33 -17.05 -21.29
CA ALA D 21 3.78 -15.95 -22.07
C ALA D 21 4.06 -14.60 -21.40
N LEU D 22 3.88 -14.54 -20.07
CA LEU D 22 4.17 -13.30 -19.33
C LEU D 22 5.65 -12.96 -19.37
N GLN D 23 6.52 -13.97 -19.23
CA GLN D 23 7.95 -13.74 -19.37
C GLN D 23 8.30 -13.21 -20.74
N ALA D 24 7.65 -13.76 -21.78
CA ALA D 24 7.88 -13.32 -23.14
C ALA D 24 7.46 -11.86 -23.30
N VAL D 25 6.33 -11.47 -22.71
CA VAL D 25 5.90 -10.07 -22.77
C VAL D 25 6.93 -9.16 -22.08
N GLU D 26 7.42 -9.59 -20.94
CA GLU D 26 8.39 -8.78 -20.20
C GLU D 26 9.69 -8.64 -20.96
N ILE D 27 10.21 -9.74 -21.49
CA ILE D 27 11.47 -9.71 -22.21
C ILE D 27 11.33 -8.94 -23.52
N ALA D 28 10.20 -9.11 -24.21
CA ALA D 28 9.98 -8.35 -25.43
C ALA D 28 9.88 -6.87 -25.11
N ARG D 29 9.22 -6.53 -24.01
CA ARG D 29 9.20 -5.14 -23.58
CA ARG D 29 9.19 -5.14 -23.56
C ARG D 29 10.60 -4.61 -23.39
N ASP D 30 11.48 -5.40 -22.78
CA ASP D 30 12.82 -4.92 -22.42
C ASP D 30 13.75 -4.84 -23.61
N THR D 31 13.58 -5.73 -24.58
CA THR D 31 14.57 -5.96 -25.63
C THR D 31 13.98 -5.93 -27.03
N GLY D 32 12.68 -5.69 -27.16
CA GLY D 32 12.03 -5.73 -28.46
C GLY D 32 10.96 -4.68 -28.52
N LYS D 33 9.76 -5.05 -28.96
CA LYS D 33 8.67 -4.10 -29.07
C LYS D 33 7.35 -4.84 -28.86
N ILE D 34 6.49 -4.25 -28.04
CA ILE D 34 5.16 -4.80 -27.78
C ILE D 34 4.15 -3.71 -28.00
N ARG D 35 2.89 -4.11 -28.07
CA ARG D 35 1.74 -3.22 -28.04
C ARG D 35 0.85 -3.69 -26.89
N LYS D 36 0.29 -2.75 -26.14
CA LYS D 36 -0.38 -3.03 -24.87
C LYS D 36 -1.77 -2.41 -24.88
N GLY D 37 -2.77 -3.21 -24.50
CA GLY D 37 -4.15 -2.78 -24.57
C GLY D 37 -4.82 -3.34 -25.80
N THR D 38 -6.16 -3.49 -25.74
CA THR D 38 -6.85 -4.22 -26.79
C THR D 38 -6.91 -3.41 -28.08
N ASN D 39 -6.97 -2.07 -28.00
CA ASN D 39 -6.96 -1.27 -29.21
C ASN D 39 -5.68 -1.50 -30.02
N GLU D 40 -4.51 -1.27 -29.42
CA GLU D 40 -3.28 -1.39 -30.20
C GLU D 40 -2.95 -2.86 -30.49
N THR D 41 -3.41 -3.80 -29.65
CA THR D 41 -3.23 -5.22 -29.95
C THR D 41 -4.00 -5.61 -31.21
N THR D 42 -5.26 -5.18 -31.31
CA THR D 42 -6.06 -5.54 -32.46
C THR D 42 -5.47 -4.95 -33.74
N LYS D 43 -5.03 -3.69 -33.70
CA LYS D 43 -4.44 -3.10 -34.90
C LYS D 43 -3.15 -3.82 -35.29
N ALA D 44 -2.34 -4.23 -34.30
CA ALA D 44 -1.14 -4.99 -34.61
C ALA D 44 -1.48 -6.30 -35.33
N VAL D 45 -2.62 -6.91 -35.00
CA VAL D 45 -3.02 -8.14 -35.66
C VAL D 45 -3.52 -7.86 -37.06
N GLU D 46 -4.37 -6.84 -37.20
CA GLU D 46 -4.93 -6.52 -38.51
C GLU D 46 -3.85 -6.13 -39.49
N ARG D 47 -2.74 -5.59 -39.02
CA ARG D 47 -1.64 -5.17 -39.87
C ARG D 47 -0.58 -6.23 -40.08
N GLY D 48 -0.80 -7.46 -39.58
CA GLY D 48 0.19 -8.49 -39.70
C GLY D 48 1.46 -8.28 -38.91
N GLN D 49 1.50 -7.33 -37.98
CA GLN D 49 2.71 -7.04 -37.23
C GLN D 49 2.91 -7.97 -36.03
N ALA D 50 1.83 -8.55 -35.49
CA ALA D 50 1.93 -9.27 -34.23
C ALA D 50 2.47 -10.67 -34.45
N LYS D 51 3.45 -11.05 -33.63
CA LYS D 51 4.02 -12.38 -33.66
C LYS D 51 3.39 -13.31 -32.64
N LEU D 52 2.84 -12.74 -31.56
CA LEU D 52 2.14 -13.48 -30.53
C LEU D 52 1.14 -12.51 -29.89
N VAL D 53 -0.08 -12.99 -29.69
CA VAL D 53 -1.12 -12.24 -29.01
C VAL D 53 -1.40 -12.91 -27.68
N ILE D 54 -1.41 -12.12 -26.61
CA ILE D 54 -1.64 -12.62 -25.26
C ILE D 54 -2.94 -12.03 -24.78
N ILE D 55 -3.85 -12.89 -24.30
CA ILE D 55 -5.21 -12.52 -23.97
C ILE D 55 -5.48 -12.95 -22.53
N ALA D 56 -5.94 -12.01 -21.70
CA ALA D 56 -6.30 -12.35 -20.32
C ALA D 56 -7.61 -13.12 -20.27
N GLU D 57 -7.72 -14.02 -19.28
CA GLU D 57 -8.88 -14.90 -19.18
C GLU D 57 -10.00 -14.34 -18.32
N ASP D 58 -9.80 -13.19 -17.67
CA ASP D 58 -10.78 -12.62 -16.75
C ASP D 58 -11.30 -11.28 -17.26
N VAL D 59 -11.61 -11.19 -18.55
CA VAL D 59 -12.09 -9.96 -19.15
C VAL D 59 -13.62 -9.97 -19.14
N ASP D 60 -14.21 -8.98 -18.49
CA ASP D 60 -15.67 -8.84 -18.38
C ASP D 60 -16.02 -7.38 -18.67
N PRO D 61 -16.83 -7.09 -19.69
CA PRO D 61 -17.51 -8.03 -20.59
C PRO D 61 -16.58 -8.68 -21.61
N GLU D 62 -16.91 -9.92 -21.98
CA GLU D 62 -16.06 -10.69 -22.88
C GLU D 62 -15.89 -10.00 -24.23
N GLU D 63 -16.87 -9.20 -24.64
CA GLU D 63 -16.86 -8.60 -25.97
C GLU D 63 -15.61 -7.76 -26.22
N ILE D 64 -14.93 -7.30 -25.17
CA ILE D 64 -13.74 -6.46 -25.37
C ILE D 64 -12.67 -7.22 -26.16
N VAL D 65 -12.52 -8.53 -25.91
CA VAL D 65 -11.50 -9.35 -26.53
C VAL D 65 -12.06 -10.52 -27.35
N ALA D 66 -13.38 -10.69 -27.41
CA ALA D 66 -13.97 -11.86 -28.07
C ALA D 66 -13.62 -11.92 -29.56
N HIS D 67 -13.31 -10.79 -30.20
CA HIS D 67 -12.94 -10.80 -31.61
C HIS D 67 -11.50 -11.25 -31.86
N LEU D 68 -10.65 -11.28 -30.84
CA LEU D 68 -9.24 -11.59 -31.07
C LEU D 68 -9.01 -13.03 -31.54
N PRO D 69 -9.54 -14.06 -30.91
CA PRO D 69 -9.22 -15.45 -31.36
C PRO D 69 -9.59 -15.71 -32.81
N PRO D 70 -10.80 -15.31 -33.25
CA PRO D 70 -11.12 -15.50 -34.69
C PRO D 70 -10.25 -14.66 -35.61
N LEU D 71 -9.91 -13.43 -35.22
CA LEU D 71 -9.04 -12.62 -36.06
C LEU D 71 -7.65 -13.22 -36.16
N CYS D 72 -7.09 -13.63 -35.01
CA CYS D 72 -5.78 -14.27 -35.02
C CYS D 72 -5.80 -15.53 -35.88
N GLU D 73 -6.89 -16.28 -35.82
CA GLU D 73 -6.98 -17.52 -36.61
C GLU D 73 -6.98 -17.20 -38.10
N GLU D 74 -7.71 -16.15 -38.50
CA GLU D 74 -7.76 -15.79 -39.93
C GLU D 74 -6.40 -15.31 -40.41
N LYS D 75 -5.71 -14.52 -39.60
CA LYS D 75 -4.37 -14.05 -39.96
C LYS D 75 -3.29 -15.09 -39.66
N GLU D 76 -3.65 -16.20 -39.03
CA GLU D 76 -2.66 -17.25 -38.72
C GLU D 76 -1.56 -16.69 -37.82
N ILE D 77 -1.98 -15.98 -36.78
CA ILE D 77 -1.10 -15.44 -35.74
C ILE D 77 -1.38 -16.20 -34.45
N PRO D 78 -0.37 -16.75 -33.77
CA PRO D 78 -0.65 -17.48 -32.53
C PRO D 78 -1.12 -16.58 -31.41
N TYR D 79 -2.07 -17.09 -30.62
CA TYR D 79 -2.50 -16.40 -29.42
C TYR D 79 -2.45 -17.37 -28.25
N ILE D 80 -2.30 -16.80 -27.05
CA ILE D 80 -2.18 -17.56 -25.83
C ILE D 80 -2.91 -16.81 -24.72
N TYR D 81 -3.36 -17.55 -23.72
CA TYR D 81 -4.14 -17.00 -22.64
C TYR D 81 -3.27 -16.94 -21.37
N VAL D 82 -3.52 -15.92 -20.57
CA VAL D 82 -3.00 -15.83 -19.21
C VAL D 82 -4.17 -15.61 -18.26
N PRO D 83 -4.00 -15.98 -16.99
CA PRO D 83 -5.15 -15.92 -16.05
C PRO D 83 -5.62 -14.51 -15.74
N SER D 84 -4.71 -13.55 -15.62
CA SER D 84 -4.97 -12.29 -14.91
C SER D 84 -4.62 -11.10 -15.78
N LYS D 85 -5.61 -10.24 -16.04
CA LYS D 85 -5.33 -9.02 -16.79
C LYS D 85 -4.48 -8.05 -15.97
N LYS D 86 -4.48 -8.18 -14.65
CA LYS D 86 -3.66 -7.29 -13.85
C LYS D 86 -2.19 -7.65 -14.01
N GLU D 87 -1.88 -8.96 -13.94
CA GLU D 87 -0.52 -9.41 -14.15
C GLU D 87 -0.06 -9.10 -15.56
N LEU D 88 -0.95 -9.20 -16.55
CA LEU D 88 -0.55 -8.96 -17.92
C LEU D 88 -0.19 -7.49 -18.13
N GLY D 89 -0.98 -6.57 -17.57
CA GLY D 89 -0.60 -5.16 -17.62
C GLY D 89 0.73 -4.88 -16.93
N ALA D 90 0.97 -5.53 -15.79
CA ALA D 90 2.25 -5.38 -15.10
C ALA D 90 3.40 -5.91 -15.95
N ALA D 91 3.20 -7.06 -16.61
CA ALA D 91 4.23 -7.59 -17.48
C ALA D 91 4.49 -6.66 -18.68
N ALA D 92 3.44 -6.06 -19.20
CA ALA D 92 3.55 -5.10 -20.30
C ALA D 92 4.12 -3.76 -19.85
N GLY D 93 4.40 -3.60 -18.55
CA GLY D 93 5.08 -2.40 -18.07
C GLY D 93 4.19 -1.20 -17.83
N ILE D 94 2.90 -1.38 -17.64
CA ILE D 94 1.98 -0.28 -17.40
C ILE D 94 1.45 -0.40 -15.98
N GLU D 95 0.70 0.62 -15.56
CA GLU D 95 0.27 0.77 -14.18
C GLU D 95 -1.12 0.21 -13.92
N VAL D 96 -1.82 -0.25 -14.95
CA VAL D 96 -3.18 -0.79 -14.86
C VAL D 96 -3.22 -2.15 -15.55
N ALA D 97 -4.39 -2.77 -15.54
CA ALA D 97 -4.55 -4.07 -16.21
C ALA D 97 -4.47 -3.93 -17.72
N ALA D 98 -4.20 -5.05 -18.40
CA ALA D 98 -4.25 -5.10 -19.84
C ALA D 98 -5.01 -6.36 -20.23
N ALA D 99 -6.12 -6.20 -20.95
CA ALA D 99 -6.90 -7.35 -21.41
C ALA D 99 -6.19 -8.14 -22.48
N SER D 100 -5.38 -7.47 -23.32
CA SER D 100 -4.60 -8.16 -24.30
C SER D 100 -3.35 -7.36 -24.62
N VAL D 101 -2.36 -8.06 -25.17
CA VAL D 101 -1.05 -7.55 -25.53
C VAL D 101 -0.61 -8.25 -26.81
N ALA D 102 0.12 -7.53 -27.65
CA ALA D 102 0.78 -8.13 -28.80
C ALA D 102 2.29 -7.91 -28.75
N ILE D 103 3.04 -8.98 -28.99
CA ILE D 103 4.48 -8.91 -29.20
C ILE D 103 4.72 -8.68 -30.68
N ILE D 104 5.41 -7.56 -30.99
CA ILE D 104 5.72 -7.18 -32.38
C ILE D 104 7.10 -7.66 -32.78
N GLU D 105 8.13 -7.31 -32.00
CA GLU D 105 9.47 -7.86 -32.17
CA GLU D 105 9.45 -7.89 -32.18
C GLU D 105 9.84 -8.55 -30.86
N PRO D 106 10.14 -9.85 -30.86
CA PRO D 106 10.34 -10.55 -29.58
C PRO D 106 11.66 -10.24 -28.90
N GLY D 107 12.65 -9.70 -29.63
CA GLY D 107 13.95 -9.49 -29.05
C GLY D 107 14.50 -10.79 -28.51
N LYS D 108 14.95 -10.74 -27.24
CA LYS D 108 15.47 -11.91 -26.57
C LYS D 108 14.38 -12.92 -26.21
N ALA D 109 13.11 -12.61 -26.49
CA ALA D 109 12.02 -13.55 -26.29
C ALA D 109 11.76 -14.44 -27.51
N ARG D 110 12.62 -14.40 -28.52
CA ARG D 110 12.37 -15.12 -29.76
C ARG D 110 12.11 -16.60 -29.51
N ASP D 111 12.98 -17.24 -28.73
CA ASP D 111 12.81 -18.67 -28.48
C ASP D 111 11.54 -18.96 -27.69
N LEU D 112 11.26 -18.16 -26.66
CA LEU D 112 10.03 -18.33 -25.90
C LEU D 112 8.81 -18.19 -26.80
N VAL D 113 8.81 -17.19 -27.68
CA VAL D 113 7.67 -16.99 -28.57
C VAL D 113 7.52 -18.19 -29.53
N GLU D 114 8.64 -18.72 -30.02
CA GLU D 114 8.55 -19.89 -30.90
C GLU D 114 8.02 -21.10 -30.15
N GLU D 115 8.45 -21.29 -28.90
CA GLU D 115 7.98 -22.42 -28.11
C GLU D 115 6.49 -22.30 -27.82
N ILE D 116 6.05 -21.13 -27.37
CA ILE D 116 4.63 -20.91 -27.12
C ILE D 116 3.84 -21.18 -28.39
N ALA D 117 4.30 -20.64 -29.51
CA ALA D 117 3.59 -20.86 -30.78
C ALA D 117 3.47 -22.34 -31.11
N MET D 118 4.55 -23.10 -30.89
CA MET D 118 4.48 -24.53 -31.18
C MET D 118 3.48 -25.23 -30.26
N LYS D 119 3.47 -24.88 -28.98
CA LYS D 119 2.57 -25.56 -28.06
C LYS D 119 1.12 -25.15 -28.29
N VAL D 120 0.88 -23.89 -28.66
CA VAL D 120 -0.48 -23.47 -28.97
C VAL D 120 -1.00 -24.18 -30.20
N LYS D 121 -0.15 -24.47 -31.17
CA LYS D 121 -0.61 -25.17 -32.37
C LYS D 121 -1.25 -26.50 -31.98
N GLU D 122 -0.66 -27.21 -31.02
CA GLU D 122 -1.25 -28.47 -30.57
C GLU D 122 -2.52 -28.23 -29.77
N LEU D 123 -2.51 -27.22 -28.90
CA LEU D 123 -3.68 -26.93 -28.07
C LEU D 123 -4.90 -26.58 -28.90
N MET D 124 -4.70 -26.01 -30.09
CA MET D 124 -5.83 -25.61 -30.90
C MET D 124 -6.45 -26.77 -31.69
N LYS D 125 -5.73 -27.87 -31.86
CA LYS D 125 -6.25 -29.05 -32.53
C LYS D 125 -7.49 -29.61 -31.80
C ACT I . 9.29 7.86 -2.83
O ACT I . 9.15 7.92 -1.56
OXT ACT I . 9.86 8.69 -3.60
CH3 ACT I . 8.65 6.61 -3.50
H1 ACT I . 8.72 6.68 -4.46
H2 ACT I . 9.11 5.81 -3.20
H3 ACT I . 7.72 6.54 -3.25
NA NA J . 6.21 -28.66 -14.79
C ACT K . 0.83 -47.21 -10.96
O ACT K . 0.15 -48.22 -11.08
OXT ACT K . 0.62 -45.98 -11.49
CH3 ACT K . 2.13 -47.42 -10.07
H1 ACT K . 2.09 -46.85 -9.28
H2 ACT K . 2.19 -48.34 -9.80
H3 ACT K . 2.92 -47.18 -10.59
CA CA L . 7.42 -50.03 -20.26
CA CA M . -0.90 -47.29 -13.72
C ACT N . -45.69 -29.92 -1.14
O ACT N . -45.79 -29.06 -0.22
OXT ACT N . -45.96 -31.17 -1.12
CH3 ACT N . -45.14 -29.41 -2.51
H1 ACT N . -44.21 -29.17 -2.42
H2 ACT N . -45.65 -28.63 -2.79
H3 ACT N . -45.24 -30.11 -3.18
NA NA O . -43.59 -29.67 1.27
NA NA P . -53.25 -36.81 2.61
NA NA Q . -54.57 -33.13 2.25
NA NA R . -37.03 -28.09 10.66
CA CA S . -59.17 -31.70 9.90
C ACT T . -1.35 5.06 -8.90
O ACT T . -1.43 6.16 -8.23
OXT ACT T . -0.94 4.88 -10.09
CH3 ACT T . -1.87 3.80 -8.18
H1 ACT T . -2.77 3.59 -8.50
H2 ACT T . -1.28 3.06 -8.37
H3 ACT T . -1.90 3.96 -7.22
NA NA U . 12.22 17.46 -6.92
C ACT V . 26.12 24.84 20.49
O ACT V . 26.16 26.01 20.00
OXT ACT V . 26.21 23.74 19.88
CH3 ACT V . 25.96 24.75 22.04
H1 ACT V . 25.07 25.05 22.28
H2 ACT V . 26.62 25.31 22.47
H3 ACT V . 26.08 23.83 22.33
CL CL W . 29.02 32.65 9.96
#